data_9J66
#
_entry.id   9J66
#
_cell.length_a   1.00
_cell.length_b   1.00
_cell.length_c   1.00
_cell.angle_alpha   90.00
_cell.angle_beta   90.00
_cell.angle_gamma   90.00
#
_symmetry.space_group_name_H-M   'P 1'
#
loop_
_entity.id
_entity.type
_entity.pdbx_description
1 polymer 'CAV-C65 Heavy chain'
2 polymer 'CAV-C65 Light chain'
3 polymer 'Spike protein S1'
#
loop_
_entity_poly.entity_id
_entity_poly.type
_entity_poly.pdbx_seq_one_letter_code
_entity_poly.pdbx_strand_id
1 'polypeptide(L)'
;QVQLVQSGAEVKKPGSSVKVSCKASGGTFSSYTISWVRQAPGQGLEWMGRIIPIFGIANYAQKFQGRVTITADKSTSTAY
MELSSLRSEDTAVYYCARTPLEMATEEGYFDYWGQGTLVTVSSASVRSTKGPSVFPLAPSSKSTSGGTAALGCLVKDYFP
EPVTVSWNSGALTSGVHTFPAVLQSSGLYSLSSVVTVPSSSLGTQTYICNVNHKPSNTKVDKKVEPKSCSG
;
B
2 'polypeptide(L)'
;DIQMTQSPSSVSASVGDRVTITCRASQGISSWLAWYQQTPGKAPKLLIYAASSLQSGVPSRFSGSGSGTDFTLTISSLQP
EDFATYYCQQANSFPFTFGPGTKVDIKRTVAAPSVFIFPPSDEQLKSGTASVVCLLNNFYPREAKVQWKVDNALQSGNSQ
ESVTEQDSKDSTYSLSSTLTLSKADYEKHKVYACEVTHQGLSSPVTKSFNRGEC
;
C
3 'polypeptide(L)'
;TNLCPFGEVFNATRFASVYAWNRKRISNCVADYSVLYNSASFSTFKCYGVSPTKLNDLCFTNVYADSFVIRGDEVRQIAP
GQTGKIADYNYKLPDDFTGCVIAWNSNNLDSKVGGNYNYLYRLFRKSNLKPFERDISTEIYQAGSTPCNGVEGFNCYFPL
QSYGFQPTNGVGYQPYRVVVLSFELLHAPATVCGP
;
A,D
#
# COMPACT_ATOMS: atom_id res chain seq x y z
N GLN A 1 6.03 -4.44 11.95
CA GLN A 1 5.06 -5.36 12.52
C GLN A 1 3.65 -4.82 12.40
N VAL A 2 3.21 -4.55 11.17
CA VAL A 2 1.88 -4.01 10.94
C VAL A 2 0.84 -5.10 11.15
N GLN A 3 -0.20 -4.76 11.91
CA GLN A 3 -1.30 -5.67 12.20
C GLN A 3 -2.62 -4.96 11.92
N LEU A 4 -3.58 -5.72 11.40
CA LEU A 4 -4.88 -5.19 11.01
C LEU A 4 -5.95 -5.78 11.92
N VAL A 5 -6.77 -4.91 12.50
CA VAL A 5 -7.81 -5.31 13.44
C VAL A 5 -9.16 -4.84 12.91
N GLN A 6 -10.13 -5.75 12.87
CA GLN A 6 -11.46 -5.44 12.40
C GLN A 6 -12.42 -5.28 13.58
N SER A 7 -13.70 -5.16 13.27
CA SER A 7 -14.74 -5.08 14.29
C SER A 7 -15.09 -6.50 14.76
N GLY A 8 -16.18 -6.62 15.51
CA GLY A 8 -16.63 -7.90 16.00
C GLY A 8 -17.42 -8.67 14.96
N ALA A 9 -18.03 -9.77 15.42
CA ALA A 9 -18.82 -10.63 14.55
C ALA A 9 -20.23 -10.06 14.44
N GLU A 10 -20.42 -9.17 13.47
CA GLU A 10 -21.72 -8.54 13.27
C GLU A 10 -22.78 -9.58 12.93
N VAL A 11 -23.96 -9.44 13.54
CA VAL A 11 -25.10 -10.33 13.28
C VAL A 11 -26.27 -9.44 12.91
N LYS A 12 -26.56 -9.35 11.61
CA LYS A 12 -27.65 -8.53 11.10
C LYS A 12 -28.59 -9.38 10.25
N LYS A 13 -29.86 -8.97 10.25
CA LYS A 13 -30.89 -9.69 9.50
C LYS A 13 -30.67 -9.52 8.00
N PRO A 14 -31.16 -10.46 7.19
CA PRO A 14 -31.03 -10.32 5.73
C PRO A 14 -31.73 -9.07 5.23
N GLY A 15 -31.14 -8.45 4.22
CA GLY A 15 -31.66 -7.24 3.62
C GLY A 15 -31.15 -5.96 4.26
N SER A 16 -30.43 -6.04 5.37
CA SER A 16 -29.88 -4.87 6.04
C SER A 16 -28.48 -4.59 5.51
N SER A 17 -27.75 -3.71 6.18
CA SER A 17 -26.39 -3.35 5.78
C SER A 17 -25.50 -3.34 7.00
N VAL A 18 -24.20 -3.56 6.76
CA VAL A 18 -23.20 -3.56 7.82
C VAL A 18 -22.09 -2.59 7.45
N LYS A 19 -21.33 -2.18 8.46
CA LYS A 19 -20.26 -1.19 8.32
C LYS A 19 -18.98 -1.70 8.96
N VAL A 20 -18.60 -2.93 8.60
CA VAL A 20 -17.38 -3.52 9.16
C VAL A 20 -16.17 -2.65 8.85
N SER A 21 -15.24 -2.60 9.79
CA SER A 21 -14.08 -1.74 9.71
C SER A 21 -12.80 -2.57 9.65
N CYS A 22 -11.68 -1.88 9.43
CA CYS A 22 -10.37 -2.54 9.38
C CYS A 22 -9.31 -1.49 9.73
N LYS A 23 -8.82 -1.54 10.96
CA LYS A 23 -7.82 -0.59 11.42
C LYS A 23 -6.44 -1.06 10.99
N ALA A 24 -5.74 -0.23 10.22
CA ALA A 24 -4.41 -0.57 9.72
C ALA A 24 -3.36 -0.06 10.72
N SER A 25 -3.25 -0.77 11.83
CA SER A 25 -2.32 -0.40 12.90
C SER A 25 -0.89 -0.61 12.41
N GLY A 26 -0.20 0.48 12.11
CA GLY A 26 1.15 0.42 11.60
C GLY A 26 1.21 0.72 10.12
N GLY A 27 2.36 1.22 9.68
CA GLY A 27 2.56 1.56 8.29
C GLY A 27 1.93 2.88 7.91
N THR A 28 2.61 3.64 7.04
CA THR A 28 2.08 4.92 6.61
C THR A 28 0.87 4.72 5.70
N PHE A 29 0.03 5.76 5.63
CA PHE A 29 -1.19 5.70 4.85
C PHE A 29 -0.95 5.71 3.35
N SER A 30 0.28 5.99 2.91
CA SER A 30 0.60 6.07 1.48
C SER A 30 1.36 4.84 1.00
N SER A 31 1.21 3.70 1.66
CA SER A 31 1.92 2.50 1.25
C SER A 31 1.09 1.23 1.28
N TYR A 32 -0.22 1.32 1.54
CA TYR A 32 -1.07 0.14 1.52
C TYR A 32 -2.35 0.43 0.77
N THR A 33 -2.91 -0.60 0.16
CA THR A 33 -4.20 -0.54 -0.53
C THR A 33 -5.09 -1.60 0.12
N ILE A 34 -6.00 -1.17 0.99
CA ILE A 34 -6.85 -2.12 1.71
C ILE A 34 -7.72 -2.86 0.72
N SER A 35 -7.65 -4.18 0.74
CA SER A 35 -8.47 -5.04 -0.11
C SER A 35 -9.25 -5.97 0.78
N TRP A 36 -10.56 -6.05 0.57
CA TRP A 36 -11.42 -6.90 1.37
C TRP A 36 -11.68 -8.20 0.65
N VAL A 37 -11.47 -9.31 1.36
CA VAL A 37 -11.63 -10.65 0.81
C VAL A 37 -12.56 -11.43 1.74
N ARG A 38 -13.58 -12.07 1.18
CA ARG A 38 -14.58 -12.79 1.95
C ARG A 38 -14.37 -14.29 1.80
N GLN A 39 -14.73 -15.04 2.85
CA GLN A 39 -14.60 -16.49 2.86
C GLN A 39 -15.87 -17.11 3.44
N ALA A 40 -16.68 -17.70 2.58
CA ALA A 40 -17.82 -18.47 3.06
C ALA A 40 -17.33 -19.73 3.78
N PRO A 41 -18.09 -20.24 4.75
CA PRO A 41 -17.65 -21.43 5.48
C PRO A 41 -17.72 -22.67 4.59
N GLY A 42 -16.57 -23.33 4.44
CA GLY A 42 -16.47 -24.45 3.54
C GLY A 42 -16.22 -24.08 2.10
N GLN A 43 -15.97 -22.81 1.81
CA GLN A 43 -15.75 -22.33 0.45
C GLN A 43 -14.50 -21.47 0.43
N GLY A 44 -13.84 -21.43 -0.73
CA GLY A 44 -12.62 -20.68 -0.88
C GLY A 44 -12.85 -19.19 -0.80
N LEU A 45 -11.73 -18.46 -0.78
CA LEU A 45 -11.79 -17.01 -0.63
C LEU A 45 -12.41 -16.35 -1.86
N GLU A 46 -13.04 -15.20 -1.64
CA GLU A 46 -13.68 -14.43 -2.69
C GLU A 46 -13.39 -12.95 -2.43
N TRP A 47 -13.10 -12.22 -3.51
CA TRP A 47 -12.64 -10.84 -3.41
C TRP A 47 -13.73 -9.88 -3.88
N MET A 48 -14.03 -8.87 -3.07
CA MET A 48 -15.07 -7.89 -3.40
C MET A 48 -14.51 -6.60 -3.98
N GLY A 49 -13.62 -5.91 -3.26
CA GLY A 49 -13.12 -4.65 -3.78
C GLY A 49 -12.09 -3.94 -2.94
N ARG A 50 -11.05 -3.41 -3.57
CA ARG A 50 -9.99 -2.71 -2.86
C ARG A 50 -10.22 -1.20 -2.89
N ILE A 51 -9.49 -0.51 -2.02
CA ILE A 51 -9.48 0.95 -1.97
C ILE A 51 -8.05 1.41 -1.78
N ILE A 52 -7.72 2.58 -2.33
CA ILE A 52 -6.42 3.19 -2.11
C ILE A 52 -6.64 4.45 -1.29
N PRO A 53 -6.37 4.42 0.02
CA PRO A 53 -6.68 5.60 0.86
C PRO A 53 -5.98 6.87 0.43
N ILE A 54 -4.73 6.77 -0.03
CA ILE A 54 -3.99 7.97 -0.41
C ILE A 54 -4.58 8.59 -1.67
N PHE A 55 -4.98 7.76 -2.63
CA PHE A 55 -5.56 8.27 -3.87
C PHE A 55 -7.07 8.40 -3.79
N GLY A 56 -7.74 7.57 -3.00
CA GLY A 56 -9.18 7.60 -2.93
C GLY A 56 -9.88 6.78 -4.00
N ILE A 57 -9.17 6.34 -5.02
CA ILE A 57 -9.78 5.53 -6.07
C ILE A 57 -10.07 4.15 -5.52
N ALA A 58 -11.26 3.62 -5.85
CA ALA A 58 -11.68 2.33 -5.32
C ALA A 58 -12.55 1.66 -6.37
N ASN A 59 -11.97 0.73 -7.12
CA ASN A 59 -12.70 -0.05 -8.09
C ASN A 59 -13.01 -1.43 -7.49
N TYR A 60 -14.19 -1.94 -7.80
CA TYR A 60 -14.72 -3.14 -7.16
C TYR A 60 -14.80 -4.27 -8.18
N ALA A 61 -15.34 -5.40 -7.74
CA ALA A 61 -15.62 -6.53 -8.62
C ALA A 61 -16.98 -6.35 -9.27
N GLN A 62 -17.07 -6.76 -10.54
CA GLN A 62 -18.32 -6.61 -11.28
C GLN A 62 -19.47 -7.37 -10.63
N LYS A 63 -19.17 -8.43 -9.86
CA LYS A 63 -20.21 -9.14 -9.14
C LYS A 63 -20.70 -8.33 -7.94
N PHE A 64 -19.82 -7.55 -7.33
CA PHE A 64 -20.15 -6.76 -6.14
C PHE A 64 -20.27 -5.27 -6.42
N GLN A 65 -20.06 -4.84 -7.68
CA GLN A 65 -20.13 -3.42 -7.99
C GLN A 65 -21.54 -2.90 -7.78
N GLY A 66 -21.65 -1.78 -7.07
CA GLY A 66 -22.94 -1.25 -6.67
C GLY A 66 -23.47 -1.95 -5.43
N ARG A 67 -23.32 -3.28 -5.40
CA ARG A 67 -23.70 -4.04 -4.21
C ARG A 67 -22.87 -3.64 -3.00
N VAL A 68 -21.57 -3.44 -3.20
CA VAL A 68 -20.62 -3.19 -2.12
C VAL A 68 -19.88 -1.89 -2.40
N THR A 69 -19.80 -1.03 -1.37
CA THR A 69 -19.02 0.19 -1.45
C THR A 69 -18.02 0.22 -0.31
N ILE A 70 -16.87 0.85 -0.56
CA ILE A 70 -15.75 0.87 0.37
C ILE A 70 -15.30 2.31 0.56
N THR A 71 -15.00 2.67 1.81
CA THR A 71 -14.53 4.00 2.16
C THR A 71 -13.30 3.87 3.03
N ALA A 72 -12.29 4.69 2.77
CA ALA A 72 -11.03 4.68 3.52
C ALA A 72 -10.92 6.00 4.27
N ASP A 73 -11.24 5.98 5.56
CA ASP A 73 -11.18 7.17 6.40
C ASP A 73 -9.73 7.37 6.84
N LYS A 74 -8.97 8.11 6.03
CA LYS A 74 -7.55 8.31 6.28
C LYS A 74 -7.29 9.13 7.54
N SER A 75 -8.29 9.82 8.08
CA SER A 75 -8.09 10.60 9.30
C SER A 75 -7.70 9.71 10.46
N THR A 76 -8.37 8.57 10.61
CA THR A 76 -8.08 7.62 11.67
C THR A 76 -7.49 6.31 11.15
N SER A 77 -7.20 6.23 9.85
CA SER A 77 -6.55 5.07 9.24
C SER A 77 -7.34 3.79 9.48
N THR A 78 -8.65 3.86 9.29
CA THR A 78 -9.53 2.68 9.43
C THR A 78 -10.39 2.60 8.16
N ALA A 79 -9.98 1.73 7.24
CA ALA A 79 -10.77 1.52 6.03
C ALA A 79 -12.09 0.85 6.37
N TYR A 80 -13.16 1.33 5.75
CA TYR A 80 -14.52 0.87 6.02
C TYR A 80 -15.09 0.20 4.78
N MET A 81 -15.73 -0.95 4.98
CA MET A 81 -16.49 -1.62 3.92
C MET A 81 -17.96 -1.61 4.29
N GLU A 82 -18.81 -1.23 3.35
CA GLU A 82 -20.25 -1.20 3.56
C GLU A 82 -20.88 -2.25 2.65
N LEU A 83 -21.53 -3.24 3.25
CA LEU A 83 -22.24 -4.28 2.50
C LEU A 83 -23.70 -3.88 2.42
N SER A 84 -24.03 -3.08 1.41
CA SER A 84 -25.40 -2.61 1.23
C SER A 84 -26.30 -3.77 0.82
N SER A 85 -27.48 -3.83 1.43
CA SER A 85 -28.49 -4.85 1.15
C SER A 85 -27.91 -6.25 1.31
N LEU A 86 -27.47 -6.54 2.54
CA LEU A 86 -26.91 -7.85 2.86
C LEU A 86 -28.03 -8.88 2.88
N ARG A 87 -28.09 -9.71 1.84
CA ARG A 87 -29.14 -10.72 1.72
C ARG A 87 -28.57 -11.92 0.97
N SER A 88 -29.47 -12.78 0.52
CA SER A 88 -29.13 -14.00 -0.24
C SER A 88 -28.23 -14.86 0.65
N GLU A 89 -27.06 -15.28 0.20
CA GLU A 89 -26.15 -16.11 0.98
C GLU A 89 -24.82 -15.40 1.20
N ASP A 90 -24.88 -14.12 1.54
CA ASP A 90 -23.68 -13.33 1.77
C ASP A 90 -23.01 -13.63 3.10
N THR A 91 -23.59 -14.52 3.92
CA THR A 91 -23.02 -14.87 5.21
C THR A 91 -21.64 -15.50 5.04
N ALA A 92 -20.61 -14.79 5.45
CA ALA A 92 -19.23 -15.27 5.32
C ALA A 92 -18.40 -14.63 6.42
N VAL A 93 -17.09 -14.77 6.31
CA VAL A 93 -16.16 -14.20 7.28
C VAL A 93 -15.25 -13.27 6.50
N TYR A 94 -15.58 -11.98 6.51
CA TYR A 94 -14.95 -11.02 5.61
C TYR A 94 -13.60 -10.56 6.18
N TYR A 95 -12.54 -10.78 5.41
CA TYR A 95 -11.20 -10.35 5.79
C TYR A 95 -10.88 -9.00 5.16
N CYS A 96 -9.84 -8.36 5.66
CA CYS A 96 -9.28 -7.16 5.07
C CYS A 96 -7.79 -7.36 4.92
N ALA A 97 -7.26 -7.05 3.75
CA ALA A 97 -5.86 -7.33 3.45
C ALA A 97 -5.27 -6.16 2.67
N ARG A 98 -4.05 -5.76 3.04
CA ARG A 98 -3.42 -4.59 2.44
C ARG A 98 -2.37 -5.05 1.43
N THR A 99 -2.59 -4.73 0.17
CA THR A 99 -1.60 -4.99 -0.86
C THR A 99 -0.57 -3.86 -0.87
N PRO A 100 0.72 -4.15 -0.78
CA PRO A 100 1.72 -3.08 -0.74
C PRO A 100 1.66 -2.21 -1.99
N LEU A 101 1.86 -0.91 -1.78
CA LEU A 101 1.87 0.07 -2.87
C LEU A 101 3.26 0.70 -2.95
N GLU A 102 3.83 0.69 -4.14
CA GLU A 102 5.12 1.31 -4.41
C GLU A 102 4.92 2.51 -5.32
N MET A 103 5.43 3.67 -4.89
CA MET A 103 5.29 4.92 -5.63
C MET A 103 3.81 5.22 -5.87
N ALA A 104 3.28 4.84 -7.03
CA ALA A 104 1.88 5.05 -7.34
C ALA A 104 1.23 3.84 -8.02
N THR A 105 1.88 2.68 -8.01
CA THR A 105 1.38 1.49 -8.69
C THR A 105 1.02 0.43 -7.66
N GLU A 106 -0.23 -0.04 -7.71
CA GLU A 106 -0.66 -1.12 -6.84
C GLU A 106 0.01 -2.42 -7.27
N GLU A 107 0.29 -3.28 -6.28
CA GLU A 107 1.07 -4.49 -6.53
C GLU A 107 0.31 -5.79 -6.30
N GLY A 108 -0.76 -5.79 -5.50
CA GLY A 108 -1.48 -7.01 -5.24
C GLY A 108 -0.79 -7.88 -4.19
N TYR A 109 -1.00 -9.19 -4.31
CA TYR A 109 -0.45 -10.19 -3.39
C TYR A 109 -0.64 -9.78 -1.92
N PHE A 110 -1.91 -9.79 -1.51
CA PHE A 110 -2.31 -9.48 -0.14
C PHE A 110 -1.44 -10.23 0.87
N ASP A 111 -0.66 -9.49 1.67
CA ASP A 111 0.28 -10.11 2.60
C ASP A 111 -0.17 -10.02 4.05
N TYR A 112 -0.57 -8.84 4.50
CA TYR A 112 -0.98 -8.63 5.88
C TYR A 112 -2.50 -8.58 5.95
N TRP A 113 -3.08 -9.44 6.79
CA TRP A 113 -4.51 -9.69 6.81
C TRP A 113 -5.08 -9.37 8.19
N GLY A 114 -6.39 -9.17 8.22
CA GLY A 114 -7.11 -9.03 9.47
C GLY A 114 -7.50 -10.38 10.04
N GLN A 115 -8.31 -10.34 11.09
CA GLN A 115 -8.78 -11.57 11.72
C GLN A 115 -10.15 -12.03 11.20
N GLY A 116 -10.97 -11.11 10.71
CA GLY A 116 -12.20 -11.49 10.06
C GLY A 116 -13.46 -11.33 10.89
N THR A 117 -14.36 -10.46 10.46
CA THR A 117 -15.66 -10.31 11.10
C THR A 117 -16.57 -11.43 10.63
N LEU A 118 -16.81 -12.40 11.50
CA LEU A 118 -17.63 -13.56 11.14
C LEU A 118 -19.09 -13.16 11.00
N VAL A 119 -19.42 -12.44 9.93
CA VAL A 119 -20.78 -11.97 9.71
C VAL A 119 -21.64 -13.17 9.33
N THR A 120 -22.39 -13.69 10.31
CA THR A 120 -23.22 -14.88 10.12
C THR A 120 -24.60 -14.62 10.67
N VAL A 121 -25.63 -15.05 9.93
CA VAL A 121 -27.01 -14.93 10.36
C VAL A 121 -27.38 -16.28 10.99
N SER A 122 -27.11 -16.42 12.28
CA SER A 122 -27.39 -17.65 13.01
C SER A 122 -27.40 -17.37 14.49
N SER A 123 -28.14 -18.20 15.24
CA SER A 123 -28.20 -18.04 16.69
C SER A 123 -26.85 -18.28 17.34
N ALA A 124 -26.13 -19.30 16.87
CA ALA A 124 -24.80 -19.66 17.40
C ALA A 124 -24.83 -19.88 18.91
N ASP B 1 -12.61 -12.70 -13.84
CA ASP B 1 -13.24 -13.64 -14.77
C ASP B 1 -12.26 -14.74 -15.16
N ILE B 2 -11.12 -14.78 -14.48
CA ILE B 2 -10.09 -15.79 -14.72
C ILE B 2 -10.30 -16.88 -13.69
N GLN B 3 -10.98 -17.95 -14.10
CA GLN B 3 -11.32 -19.05 -13.20
C GLN B 3 -10.12 -19.97 -13.05
N MET B 4 -9.49 -19.94 -11.87
CA MET B 4 -8.32 -20.76 -11.60
C MET B 4 -8.74 -22.13 -11.07
N THR B 5 -7.87 -23.11 -11.24
CA THR B 5 -8.11 -24.47 -10.75
C THR B 5 -6.77 -25.11 -10.44
N GLN B 6 -6.64 -25.65 -9.22
CA GLN B 6 -5.41 -26.27 -8.78
C GLN B 6 -5.42 -27.77 -9.10
N SER B 7 -4.45 -28.49 -8.52
CA SER B 7 -4.43 -29.94 -8.56
C SER B 7 -5.54 -30.47 -7.65
N PRO B 8 -5.90 -31.75 -7.78
CA PRO B 8 -6.95 -32.30 -6.92
C PRO B 8 -6.66 -32.06 -5.46
N SER B 9 -7.72 -31.72 -4.72
CA SER B 9 -7.57 -31.29 -3.33
C SER B 9 -7.04 -32.41 -2.44
N SER B 10 -7.45 -33.65 -2.69
CA SER B 10 -7.07 -34.76 -1.84
C SER B 10 -5.58 -35.03 -1.99
N VAL B 11 -4.79 -34.60 -1.00
CA VAL B 11 -3.35 -34.82 -0.97
C VAL B 11 -3.00 -35.41 0.39
N SER B 12 -2.28 -36.53 0.39
CA SER B 12 -1.92 -37.24 1.61
C SER B 12 -0.40 -37.34 1.70
N ALA B 13 0.18 -36.59 2.65
CA ALA B 13 1.60 -36.66 2.94
C ALA B 13 1.78 -36.63 4.44
N SER B 14 2.49 -37.63 4.99
CA SER B 14 2.58 -37.78 6.43
C SER B 14 3.44 -36.70 7.06
N VAL B 15 4.73 -36.67 6.73
CA VAL B 15 5.64 -35.68 7.29
C VAL B 15 6.91 -35.66 6.43
N GLY B 16 7.42 -34.45 6.20
CA GLY B 16 8.66 -34.31 5.45
C GLY B 16 8.62 -34.80 4.03
N ASP B 17 7.42 -34.98 3.48
CA ASP B 17 7.28 -35.47 2.11
C ASP B 17 7.30 -34.31 1.12
N ARG B 18 7.17 -34.63 -0.16
CA ARG B 18 7.10 -33.63 -1.23
C ARG B 18 5.66 -33.57 -1.72
N VAL B 19 4.99 -32.45 -1.45
CA VAL B 19 3.62 -32.22 -1.88
C VAL B 19 3.65 -31.06 -2.86
N THR B 20 3.28 -31.33 -4.10
CA THR B 20 3.30 -30.34 -5.17
C THR B 20 1.87 -29.99 -5.57
N ILE B 21 1.57 -28.69 -5.56
CA ILE B 21 0.25 -28.18 -5.92
C ILE B 21 0.42 -27.23 -7.09
N THR B 22 -0.32 -27.48 -8.18
CA THR B 22 -0.18 -26.72 -9.41
C THR B 22 -1.55 -26.18 -9.82
N CYS B 23 -1.63 -24.87 -10.07
CA CYS B 23 -2.85 -24.25 -10.55
C CYS B 23 -2.59 -23.55 -11.87
N ARG B 24 -3.53 -23.69 -12.80
CA ARG B 24 -3.43 -23.14 -14.14
C ARG B 24 -4.49 -22.06 -14.33
N ALA B 25 -4.08 -20.95 -14.92
CA ALA B 25 -4.98 -19.82 -15.16
C ALA B 25 -5.73 -20.01 -16.48
N SER B 26 -7.03 -19.69 -16.46
CA SER B 26 -7.83 -19.80 -17.68
C SER B 26 -7.32 -18.89 -18.78
N GLN B 27 -6.96 -17.66 -18.43
CA GLN B 27 -6.39 -16.72 -19.38
C GLN B 27 -4.90 -16.56 -19.10
N GLY B 28 -4.26 -15.66 -19.86
CA GLY B 28 -2.85 -15.41 -19.68
C GLY B 28 -2.59 -14.35 -18.62
N ILE B 29 -1.82 -14.71 -17.60
CA ILE B 29 -1.54 -13.80 -16.50
C ILE B 29 -0.03 -13.62 -16.33
N SER B 30 0.72 -13.83 -17.41
CA SER B 30 2.18 -13.64 -17.45
C SER B 30 2.78 -14.50 -16.34
N SER B 31 3.60 -13.95 -15.44
CA SER B 31 4.16 -14.69 -14.33
C SER B 31 3.61 -14.24 -12.98
N TRP B 32 2.54 -13.44 -12.98
CA TRP B 32 1.96 -12.96 -11.74
C TRP B 32 1.28 -14.10 -10.98
N LEU B 33 1.48 -14.13 -9.68
CA LEU B 33 0.90 -15.16 -8.82
C LEU B 33 1.10 -14.78 -7.36
N ALA B 34 0.24 -15.32 -6.49
CA ALA B 34 0.37 -15.12 -5.06
C ALA B 34 -0.20 -16.35 -4.37
N TRP B 35 0.68 -17.28 -4.00
CA TRP B 35 0.28 -18.48 -3.29
C TRP B 35 0.07 -18.16 -1.81
N TYR B 36 -1.00 -18.71 -1.24
CA TYR B 36 -1.35 -18.45 0.15
C TYR B 36 -1.38 -19.76 0.93
N GLN B 37 -1.79 -19.67 2.19
CA GLN B 37 -1.84 -20.82 3.10
C GLN B 37 -2.93 -20.58 4.13
N GLN B 38 -4.00 -21.37 4.05
CA GLN B 38 -5.15 -21.22 4.94
C GLN B 38 -5.00 -22.19 6.11
N THR B 39 -4.37 -21.72 7.18
CA THR B 39 -4.35 -22.48 8.41
C THR B 39 -5.76 -22.52 9.00
N PRO B 40 -6.12 -23.61 9.67
CA PRO B 40 -7.48 -23.73 10.20
C PRO B 40 -7.78 -22.63 11.21
N GLY B 41 -8.90 -21.95 11.01
CA GLY B 41 -9.30 -20.87 11.91
C GLY B 41 -8.35 -19.71 11.95
N LYS B 42 -7.82 -19.31 10.80
CA LYS B 42 -6.90 -18.18 10.73
C LYS B 42 -6.88 -17.63 9.32
N ALA B 43 -6.37 -16.41 9.19
CA ALA B 43 -6.27 -15.74 7.90
C ALA B 43 -5.15 -16.35 7.06
N PRO B 44 -5.33 -16.39 5.74
CA PRO B 44 -4.24 -16.85 4.87
C PRO B 44 -3.02 -15.95 5.00
N LYS B 45 -1.84 -16.57 4.97
CA LYS B 45 -0.58 -15.85 5.01
C LYS B 45 0.15 -16.03 3.69
N LEU B 46 0.54 -14.92 3.08
CA LEU B 46 1.21 -14.97 1.79
C LEU B 46 2.48 -15.81 1.86
N LEU B 47 2.66 -16.69 0.88
CA LEU B 47 3.81 -17.56 0.80
C LEU B 47 4.75 -17.20 -0.34
N ILE B 48 4.23 -17.13 -1.56
CA ILE B 48 5.00 -16.77 -2.74
C ILE B 48 4.26 -15.67 -3.47
N TYR B 49 4.96 -14.61 -3.85
CA TYR B 49 4.41 -13.56 -4.69
C TYR B 49 5.23 -13.46 -5.97
N ALA B 50 4.55 -13.18 -7.07
CA ALA B 50 5.12 -13.13 -8.42
C ALA B 50 5.64 -14.48 -8.89
N ALA B 51 5.29 -15.56 -8.19
CA ALA B 51 5.56 -16.93 -8.60
C ALA B 51 7.04 -17.29 -8.57
N SER B 52 7.91 -16.32 -8.28
CA SER B 52 9.33 -16.59 -8.21
C SER B 52 9.94 -15.98 -6.95
N SER B 53 9.34 -14.90 -6.45
CA SER B 53 9.85 -14.19 -5.30
C SER B 53 9.22 -14.77 -4.04
N LEU B 54 10.03 -15.40 -3.21
CA LEU B 54 9.56 -16.02 -1.98
C LEU B 54 9.32 -14.94 -0.94
N GLN B 55 8.15 -14.97 -0.30
CA GLN B 55 7.80 -13.95 0.68
C GLN B 55 8.71 -14.06 1.91
N SER B 56 9.10 -12.90 2.42
CA SER B 56 9.91 -12.86 3.63
C SER B 56 9.08 -13.28 4.84
N GLY B 57 9.68 -14.11 5.70
CA GLY B 57 9.03 -14.55 6.92
C GLY B 57 8.44 -15.95 6.87
N VAL B 58 8.65 -16.70 5.79
CA VAL B 58 8.17 -18.07 5.69
C VAL B 58 9.34 -18.95 5.24
N PRO B 59 9.32 -20.25 5.54
CA PRO B 59 10.48 -21.09 5.21
C PRO B 59 10.74 -21.15 3.72
N SER B 60 11.98 -21.53 3.38
CA SER B 60 12.36 -21.72 1.98
C SER B 60 11.75 -22.99 1.40
N ARG B 61 11.09 -23.80 2.21
CA ARG B 61 10.44 -25.01 1.70
C ARG B 61 9.33 -24.64 0.72
N PHE B 62 8.57 -23.59 1.02
CA PHE B 62 7.46 -23.15 0.17
C PHE B 62 8.04 -22.41 -1.03
N SER B 63 8.22 -23.13 -2.13
CA SER B 63 8.78 -22.59 -3.35
C SER B 63 7.87 -22.89 -4.52
N GLY B 64 7.88 -22.01 -5.51
CA GLY B 64 7.09 -22.20 -6.71
C GLY B 64 7.75 -21.51 -7.89
N SER B 65 7.26 -21.84 -9.08
CA SER B 65 7.79 -21.28 -10.32
C SER B 65 6.77 -21.53 -11.43
N GLY B 66 7.14 -21.13 -12.64
CA GLY B 66 6.32 -21.31 -13.81
C GLY B 66 6.22 -20.06 -14.64
N SER B 67 5.48 -20.17 -15.75
CA SER B 67 5.28 -19.05 -16.65
C SER B 67 3.98 -19.29 -17.41
N GLY B 68 3.45 -18.22 -18.00
CA GLY B 68 2.23 -18.32 -18.76
C GLY B 68 1.02 -18.69 -17.93
N THR B 69 0.49 -19.89 -18.13
CA THR B 69 -0.71 -20.36 -17.44
C THR B 69 -0.42 -21.42 -16.40
N ASP B 70 0.46 -22.37 -16.69
CA ASP B 70 0.75 -23.46 -15.77
C ASP B 70 1.71 -22.98 -14.69
N PHE B 71 1.22 -22.93 -13.45
CA PHE B 71 2.00 -22.50 -12.29
C PHE B 71 2.02 -23.60 -11.24
N THR B 72 3.14 -23.72 -10.54
CA THR B 72 3.38 -24.83 -9.63
C THR B 72 3.79 -24.30 -8.26
N LEU B 73 3.49 -25.09 -7.23
CA LEU B 73 4.02 -24.90 -5.89
C LEU B 73 4.64 -26.20 -5.43
N THR B 74 5.87 -26.13 -4.92
CA THR B 74 6.58 -27.31 -4.45
C THR B 74 7.00 -27.11 -3.00
N ILE B 75 6.85 -28.16 -2.20
CA ILE B 75 7.25 -28.16 -0.79
C ILE B 75 8.37 -29.17 -0.64
N SER B 76 9.55 -28.69 -0.23
CA SER B 76 10.70 -29.57 -0.08
C SER B 76 10.45 -30.61 1.01
N SER B 77 10.03 -30.17 2.19
CA SER B 77 9.74 -31.06 3.30
C SER B 77 8.50 -30.56 4.01
N LEU B 78 7.50 -31.44 4.14
CA LEU B 78 6.24 -31.08 4.78
C LEU B 78 6.42 -31.15 6.29
N GLN B 79 6.72 -30.00 6.90
CA GLN B 79 6.77 -29.94 8.35
C GLN B 79 5.36 -30.11 8.92
N PRO B 80 5.26 -30.62 10.15
CA PRO B 80 3.92 -30.82 10.74
C PRO B 80 3.09 -29.56 10.81
N GLU B 81 3.72 -28.38 10.82
CA GLU B 81 2.96 -27.13 10.88
C GLU B 81 2.20 -26.86 9.59
N ASP B 82 2.74 -27.30 8.45
CA ASP B 82 2.15 -26.99 7.15
C ASP B 82 1.04 -27.96 6.77
N PHE B 83 0.07 -28.13 7.65
CA PHE B 83 -1.13 -28.92 7.37
C PHE B 83 -2.31 -28.01 7.04
N ALA B 84 -2.19 -27.27 5.94
CA ALA B 84 -3.13 -26.20 5.63
C ALA B 84 -3.52 -26.24 4.16
N THR B 85 -4.59 -25.50 3.84
CA THR B 85 -5.05 -25.36 2.47
C THR B 85 -4.27 -24.26 1.78
N TYR B 86 -3.95 -24.47 0.50
CA TYR B 86 -3.11 -23.56 -0.27
C TYR B 86 -3.91 -22.95 -1.39
N TYR B 87 -3.91 -21.62 -1.49
CA TYR B 87 -4.63 -20.89 -2.52
C TYR B 87 -3.65 -20.12 -3.39
N CYS B 88 -4.01 -19.95 -4.66
CA CYS B 88 -3.27 -19.10 -5.58
C CYS B 88 -4.22 -18.09 -6.19
N GLN B 89 -3.76 -16.86 -6.35
CA GLN B 89 -4.52 -15.84 -7.07
C GLN B 89 -3.68 -15.28 -8.20
N GLN B 90 -4.33 -14.50 -9.04
CA GLN B 90 -3.68 -13.82 -10.16
C GLN B 90 -3.36 -12.38 -9.76
N ALA B 91 -2.54 -11.72 -10.57
CA ALA B 91 -2.28 -10.30 -10.44
C ALA B 91 -2.27 -9.63 -11.81
N ASN B 92 -3.11 -10.13 -12.71
CA ASN B 92 -3.23 -9.55 -14.05
C ASN B 92 -4.58 -8.89 -14.20
N SER B 93 -5.65 -9.67 -14.06
CA SER B 93 -7.00 -9.11 -14.10
C SER B 93 -7.35 -8.54 -12.73
N PHE B 94 -8.25 -7.56 -12.73
CA PHE B 94 -8.59 -6.91 -11.48
C PHE B 94 -9.57 -7.72 -10.64
N PRO B 95 -10.62 -8.35 -11.21
CA PRO B 95 -11.50 -9.18 -10.38
C PRO B 95 -10.78 -10.40 -9.85
N PHE B 96 -9.97 -10.20 -8.81
CA PHE B 96 -9.08 -11.25 -8.29
C PHE B 96 -9.85 -12.51 -7.97
N THR B 97 -9.33 -13.64 -8.43
CA THR B 97 -9.96 -14.94 -8.25
C THR B 97 -9.03 -15.85 -7.46
N PHE B 98 -9.59 -16.49 -6.43
CA PHE B 98 -8.87 -17.47 -5.63
C PHE B 98 -9.25 -18.87 -6.06
N GLY B 99 -8.27 -19.77 -6.07
CA GLY B 99 -8.51 -21.13 -6.46
C GLY B 99 -9.42 -21.86 -5.49
N PRO B 100 -9.99 -22.98 -5.92
CA PRO B 100 -10.92 -23.72 -5.04
C PRO B 100 -10.28 -24.18 -3.74
N GLY B 101 -8.99 -24.51 -3.76
CA GLY B 101 -8.29 -24.85 -2.54
C GLY B 101 -7.80 -26.28 -2.46
N THR B 102 -6.48 -26.46 -2.39
CA THR B 102 -5.86 -27.76 -2.20
C THR B 102 -5.43 -27.86 -0.74
N LYS B 103 -6.01 -28.80 0.00
CA LYS B 103 -5.76 -28.96 1.42
C LYS B 103 -4.97 -30.24 1.66
N VAL B 104 -3.81 -30.11 2.29
CA VAL B 104 -3.01 -31.25 2.70
C VAL B 104 -3.38 -31.58 4.15
N ASP B 105 -4.01 -32.74 4.34
CA ASP B 105 -4.58 -33.09 5.64
C ASP B 105 -4.58 -34.60 5.81
N ILE B 106 -4.83 -35.02 7.05
CA ILE B 106 -4.87 -36.45 7.39
C ILE B 106 -6.16 -37.06 6.89
N LYS B 107 -6.21 -38.39 6.85
CA LYS B 107 -7.41 -39.10 6.39
C LYS B 107 -8.07 -39.85 7.53
N THR C 1 -12.14 51.96 -23.81
CA THR C 1 -12.87 53.12 -23.35
C THR C 1 -13.95 52.73 -22.34
N ASN C 2 -14.62 51.61 -22.61
CA ASN C 2 -15.65 51.11 -21.71
C ASN C 2 -15.01 50.30 -20.58
N LEU C 3 -15.81 50.04 -19.54
CA LEU C 3 -15.31 49.32 -18.37
C LEU C 3 -15.21 47.82 -18.65
N CYS C 4 -14.12 47.23 -18.19
CA CYS C 4 -13.87 45.82 -18.42
C CYS C 4 -14.84 44.96 -17.59
N PRO C 5 -15.23 43.81 -18.11
CA PRO C 5 -16.19 42.94 -17.39
C PRO C 5 -15.49 41.98 -16.42
N PHE C 6 -14.90 42.54 -15.36
CA PHE C 6 -14.35 41.70 -14.31
C PHE C 6 -15.45 41.04 -13.48
N GLY C 7 -16.67 41.60 -13.51
CA GLY C 7 -17.80 40.94 -12.88
C GLY C 7 -18.27 39.71 -13.62
N GLU C 8 -17.97 39.61 -14.91
CA GLU C 8 -18.26 38.38 -15.65
C GLU C 8 -17.35 37.24 -15.25
N VAL C 9 -16.28 37.53 -14.52
CA VAL C 9 -15.33 36.51 -14.07
C VAL C 9 -15.44 36.30 -12.56
N PHE C 10 -15.18 37.32 -11.76
CA PHE C 10 -15.18 37.16 -10.31
C PHE C 10 -16.58 36.86 -9.79
N ASN C 11 -17.59 37.54 -10.29
CA ASN C 11 -18.97 37.33 -9.87
C ASN C 11 -19.68 36.28 -10.70
N ALA C 12 -18.93 35.38 -11.34
CA ALA C 12 -19.55 34.31 -12.12
C ALA C 12 -20.27 33.34 -11.20
N THR C 13 -21.35 32.74 -11.71
CA THR C 13 -22.15 31.84 -10.90
C THR C 13 -21.40 30.57 -10.53
N ARG C 14 -20.44 30.14 -11.35
CA ARG C 14 -19.66 28.95 -11.04
C ARG C 14 -18.38 28.96 -11.86
N PHE C 15 -17.38 28.23 -11.37
CA PHE C 15 -16.09 28.10 -12.04
C PHE C 15 -15.89 26.66 -12.49
N ALA C 16 -15.30 26.50 -13.66
CA ALA C 16 -14.94 25.18 -14.14
C ALA C 16 -13.87 24.57 -13.25
N SER C 17 -13.86 23.23 -13.18
CA SER C 17 -12.89 22.53 -12.35
C SER C 17 -11.47 22.84 -12.82
N VAL C 18 -10.51 22.51 -11.96
CA VAL C 18 -9.14 22.96 -12.18
C VAL C 18 -8.54 22.32 -13.43
N TYR C 19 -8.88 21.07 -13.72
CA TYR C 19 -8.28 20.39 -14.86
C TYR C 19 -8.74 20.97 -16.19
N ALA C 20 -9.78 21.80 -16.19
CA ALA C 20 -10.31 22.45 -17.38
C ALA C 20 -10.59 23.92 -17.10
N TRP C 21 -9.58 24.61 -16.56
CA TRP C 21 -9.76 25.98 -16.11
C TRP C 21 -10.25 26.88 -17.22
N ASN C 22 -11.25 27.71 -16.92
CA ASN C 22 -11.80 28.63 -17.90
C ASN C 22 -10.78 29.72 -18.21
N ARG C 23 -10.71 30.11 -19.47
CA ARG C 23 -9.75 31.11 -19.96
C ARG C 23 -10.54 32.24 -20.61
N LYS C 24 -10.96 33.21 -19.80
CA LYS C 24 -11.69 34.36 -20.32
C LYS C 24 -10.73 35.42 -20.82
N ARG C 25 -10.92 35.87 -22.05
CA ARG C 25 -10.08 36.90 -22.65
C ARG C 25 -10.73 38.26 -22.46
N ILE C 26 -9.95 39.21 -21.95
CA ILE C 26 -10.41 40.56 -21.67
C ILE C 26 -9.56 41.53 -22.47
N SER C 27 -10.21 42.33 -23.31
CA SER C 27 -9.55 43.32 -24.14
C SER C 27 -10.61 44.31 -24.64
N ASN C 28 -10.13 45.34 -25.33
CA ASN C 28 -11.00 46.39 -25.87
C ASN C 28 -11.86 47.02 -24.77
N CYS C 29 -11.25 47.28 -23.62
CA CYS C 29 -11.95 47.84 -22.47
C CYS C 29 -10.94 48.47 -21.54
N VAL C 30 -11.43 49.29 -20.62
CA VAL C 30 -10.61 49.97 -19.63
C VAL C 30 -10.76 49.25 -18.31
N ALA C 31 -9.65 48.79 -17.75
CA ALA C 31 -9.65 47.96 -16.56
C ALA C 31 -9.37 48.79 -15.32
N ASP C 32 -10.12 48.52 -14.25
CA ASP C 32 -9.96 49.18 -12.97
C ASP C 32 -9.70 48.15 -11.87
N TYR C 33 -8.43 47.77 -11.73
CA TYR C 33 -8.04 46.74 -10.77
C TYR C 33 -8.15 47.20 -9.33
N SER C 34 -8.35 48.50 -9.09
CA SER C 34 -8.39 49.00 -7.71
C SER C 34 -9.52 48.34 -6.92
N VAL C 35 -10.70 48.21 -7.54
CA VAL C 35 -11.83 47.58 -6.85
C VAL C 35 -11.50 46.13 -6.50
N LEU C 36 -10.55 45.52 -7.21
CA LEU C 36 -10.05 44.20 -6.83
C LEU C 36 -9.19 44.30 -5.58
N TYR C 37 -8.25 45.24 -5.56
CA TYR C 37 -7.38 45.39 -4.40
C TYR C 37 -8.16 45.85 -3.18
N ASN C 38 -9.02 46.86 -3.36
CA ASN C 38 -9.73 47.43 -2.22
C ASN C 38 -10.82 46.50 -1.70
N SER C 39 -11.15 45.46 -2.45
CA SER C 39 -12.16 44.51 -2.01
C SER C 39 -11.69 43.76 -0.77
N ALA C 40 -12.59 43.64 0.21
CA ALA C 40 -12.30 42.96 1.45
C ALA C 40 -12.71 41.48 1.42
N SER C 41 -13.20 41.00 0.27
CA SER C 41 -13.63 39.62 0.16
C SER C 41 -12.53 38.67 -0.31
N PHE C 42 -11.36 39.19 -0.68
CA PHE C 42 -10.29 38.36 -1.21
C PHE C 42 -9.48 37.77 -0.06
N SER C 43 -9.39 36.44 0.00
CA SER C 43 -8.53 35.81 1.00
C SER C 43 -7.06 36.03 0.66
N THR C 44 -6.70 35.96 -0.61
CA THR C 44 -5.33 36.14 -1.06
C THR C 44 -5.31 37.01 -2.31
N PHE C 45 -4.20 37.74 -2.49
CA PHE C 45 -4.02 38.57 -3.69
C PHE C 45 -2.52 38.81 -3.82
N LYS C 46 -1.87 38.03 -4.68
CA LYS C 46 -0.42 38.14 -4.86
C LYS C 46 -0.12 38.25 -6.34
N CYS C 47 0.41 39.39 -6.76
CA CYS C 47 0.76 39.63 -8.15
C CYS C 47 2.26 39.45 -8.35
N TYR C 48 2.62 38.68 -9.37
CA TYR C 48 4.02 38.42 -9.70
C TYR C 48 4.38 39.22 -10.93
N GLY C 49 5.45 40.02 -10.83
CA GLY C 49 5.93 40.82 -11.93
C GLY C 49 5.34 42.22 -12.00
N VAL C 50 4.36 42.54 -11.17
CA VAL C 50 3.77 43.87 -11.17
C VAL C 50 3.22 44.15 -9.77
N SER C 51 3.44 45.36 -9.29
CA SER C 51 2.94 45.74 -7.98
C SER C 51 1.42 45.89 -8.02
N PRO C 52 0.70 45.40 -7.01
CA PRO C 52 -0.76 45.52 -7.03
C PRO C 52 -1.28 46.95 -7.02
N THR C 53 -0.53 47.89 -6.45
CA THR C 53 -1.01 49.26 -6.33
C THR C 53 -0.81 50.08 -7.60
N LYS C 54 0.01 49.61 -8.54
CA LYS C 54 0.26 50.32 -9.79
C LYS C 54 -0.44 49.68 -10.97
N LEU C 55 -1.33 48.71 -10.73
CA LEU C 55 -1.98 47.99 -11.82
C LEU C 55 -2.75 48.94 -12.73
N ASN C 56 -3.55 49.83 -12.16
CA ASN C 56 -4.23 50.82 -12.98
C ASN C 56 -3.33 52.02 -13.22
N ASP C 57 -2.08 51.75 -13.61
CA ASP C 57 -1.19 52.78 -14.12
C ASP C 57 -0.42 52.35 -15.36
N LEU C 58 -0.24 51.06 -15.59
CA LEU C 58 0.44 50.55 -16.77
C LEU C 58 -0.61 50.24 -17.85
N CYS C 59 -0.14 49.73 -18.98
CA CYS C 59 -1.04 49.39 -20.08
C CYS C 59 -0.66 48.02 -20.62
N PHE C 60 -1.64 47.14 -20.75
CA PHE C 60 -1.42 45.74 -21.08
C PHE C 60 -1.96 45.42 -22.47
N THR C 61 -1.29 44.49 -23.15
CA THR C 61 -1.74 44.06 -24.47
C THR C 61 -3.08 43.35 -24.38
N ASN C 62 -3.19 42.38 -23.48
CA ASN C 62 -4.44 41.62 -23.30
C ASN C 62 -4.44 41.02 -21.91
N VAL C 63 -5.64 40.69 -21.44
CA VAL C 63 -5.82 40.12 -20.11
C VAL C 63 -6.43 38.73 -20.25
N TYR C 64 -5.91 37.78 -19.47
CA TYR C 64 -6.44 36.42 -19.48
C TYR C 64 -6.77 36.01 -18.05
N ALA C 65 -8.05 35.69 -17.79
CA ALA C 65 -8.51 35.39 -16.44
C ALA C 65 -8.75 33.88 -16.31
N ASP C 66 -7.69 33.16 -15.94
CA ASP C 66 -7.77 31.72 -15.72
C ASP C 66 -8.55 31.46 -14.44
N SER C 67 -9.82 31.09 -14.58
CA SER C 67 -10.65 30.85 -13.42
C SER C 67 -10.87 29.36 -13.20
N PHE C 68 -10.69 28.93 -11.95
CA PHE C 68 -10.87 27.53 -11.58
C PHE C 68 -11.08 27.46 -10.07
N VAL C 69 -11.18 26.24 -9.55
CA VAL C 69 -11.45 26.00 -8.15
C VAL C 69 -10.52 24.90 -7.65
N ILE C 70 -9.85 25.15 -6.53
CA ILE C 70 -9.00 24.17 -5.88
C ILE C 70 -9.29 24.20 -4.38
N ARG C 71 -8.56 23.38 -3.63
CA ARG C 71 -8.71 23.36 -2.18
C ARG C 71 -7.70 24.29 -1.53
N GLY C 72 -7.93 24.58 -0.24
CA GLY C 72 -7.09 25.54 0.45
C GLY C 72 -5.63 25.13 0.50
N ASP C 73 -5.36 23.84 0.69
CA ASP C 73 -3.99 23.36 0.65
C ASP C 73 -3.37 23.50 -0.73
N GLU C 74 -4.18 23.64 -1.78
CA GLU C 74 -3.69 23.70 -3.15
C GLU C 74 -3.49 25.12 -3.65
N VAL C 75 -3.95 26.14 -2.93
CA VAL C 75 -3.75 27.50 -3.40
C VAL C 75 -2.29 27.91 -3.31
N ARG C 76 -1.56 27.35 -2.35
CA ARG C 76 -0.16 27.74 -2.17
C ARG C 76 0.69 27.41 -3.38
N GLN C 77 0.32 26.39 -4.15
CA GLN C 77 1.11 25.97 -5.29
C GLN C 77 0.66 26.62 -6.59
N ILE C 78 -0.24 27.59 -6.53
CA ILE C 78 -0.55 28.42 -7.71
C ILE C 78 0.45 29.58 -7.67
N ALA C 79 1.63 29.31 -8.20
CA ALA C 79 2.75 30.25 -8.19
C ALA C 79 3.83 29.76 -9.14
N PRO C 80 4.62 30.66 -9.72
CA PRO C 80 5.68 30.22 -10.64
C PRO C 80 6.70 29.33 -9.94
N GLY C 81 7.16 28.31 -10.68
CA GLY C 81 8.23 27.46 -10.20
C GLY C 81 7.80 26.38 -9.22
N GLN C 82 6.86 26.70 -8.34
CA GLN C 82 6.46 25.75 -7.31
C GLN C 82 5.73 24.57 -7.95
N THR C 83 6.03 23.37 -7.43
CA THR C 83 5.48 22.13 -7.96
C THR C 83 4.64 21.43 -6.90
N GLY C 84 3.89 20.43 -7.35
CA GLY C 84 2.99 19.69 -6.48
C GLY C 84 2.04 18.81 -7.26
N LYS C 85 0.76 18.89 -6.96
CA LYS C 85 -0.27 18.17 -7.71
C LYS C 85 -0.99 19.08 -8.70
N ILE C 86 -1.54 20.21 -8.21
CA ILE C 86 -2.20 21.15 -9.09
C ILE C 86 -1.21 21.77 -10.06
N ALA C 87 -0.02 22.12 -9.57
CA ALA C 87 0.99 22.77 -10.38
C ALA C 87 1.75 21.81 -11.28
N ASP C 88 1.36 20.54 -11.33
CA ASP C 88 2.01 19.57 -12.20
C ASP C 88 1.07 18.76 -13.07
N TYR C 89 -0.19 18.57 -12.67
CA TYR C 89 -1.12 17.78 -13.47
C TYR C 89 -2.38 18.52 -13.85
N ASN C 90 -2.64 19.70 -13.31
CA ASN C 90 -3.86 20.43 -13.66
C ASN C 90 -3.56 21.81 -14.26
N TYR C 91 -2.68 22.57 -13.61
CA TYR C 91 -2.40 23.94 -14.06
C TYR C 91 -1.02 24.32 -13.55
N LYS C 92 -0.03 24.33 -14.44
CA LYS C 92 1.32 24.75 -14.10
C LYS C 92 1.53 26.18 -14.56
N LEU C 93 1.83 27.07 -13.62
CA LEU C 93 2.10 28.46 -13.95
C LEU C 93 3.53 28.60 -14.48
N PRO C 94 3.76 29.42 -15.50
CA PRO C 94 5.11 29.55 -16.06
C PRO C 94 6.07 30.19 -15.06
N ASP C 95 7.36 29.87 -15.25
CA ASP C 95 8.39 30.42 -14.37
C ASP C 95 8.42 31.96 -14.45
N ASP C 96 8.37 32.50 -15.66
CA ASP C 96 8.37 33.95 -15.84
C ASP C 96 6.93 34.45 -16.01
N PHE C 97 6.27 34.62 -14.86
CA PHE C 97 4.88 35.03 -14.82
C PHE C 97 4.78 36.52 -14.53
N THR C 98 3.92 37.20 -15.27
CA THR C 98 3.74 38.66 -15.17
C THR C 98 2.27 39.00 -14.94
N GLY C 99 1.65 38.30 -13.99
CA GLY C 99 0.24 38.54 -13.72
C GLY C 99 -0.11 38.58 -12.25
N CYS C 100 -1.35 38.21 -11.93
CA CYS C 100 -1.84 38.21 -10.56
C CYS C 100 -2.53 36.89 -10.27
N VAL C 101 -2.60 36.55 -8.99
CA VAL C 101 -3.30 35.36 -8.51
C VAL C 101 -4.29 35.79 -7.44
N ILE C 102 -5.54 35.40 -7.60
CA ILE C 102 -6.61 35.83 -6.70
C ILE C 102 -7.36 34.59 -6.24
N ALA C 103 -7.61 34.50 -4.94
CA ALA C 103 -8.37 33.39 -4.40
C ALA C 103 -9.13 33.86 -3.16
N TRP C 104 -10.36 33.40 -3.01
CA TRP C 104 -11.17 33.78 -1.87
C TRP C 104 -12.02 32.59 -1.42
N ASN C 105 -12.48 32.66 -0.18
CA ASN C 105 -13.29 31.59 0.37
C ASN C 105 -14.60 31.44 -0.39
N SER C 106 -14.99 30.19 -0.64
CA SER C 106 -16.23 29.88 -1.34
C SER C 106 -17.00 28.78 -0.63
N ASN C 107 -16.92 28.76 0.70
CA ASN C 107 -17.55 27.68 1.46
C ASN C 107 -19.07 27.69 1.29
N ASN C 108 -19.67 28.88 1.26
CA ASN C 108 -21.10 29.01 1.16
C ASN C 108 -21.60 29.11 -0.28
N LEU C 109 -20.72 28.99 -1.27
CA LEU C 109 -21.08 29.18 -2.67
C LEU C 109 -21.08 27.87 -3.45
N ASP C 110 -19.96 27.14 -3.43
CA ASP C 110 -19.81 25.93 -4.24
C ASP C 110 -19.44 24.72 -3.40
N SER C 111 -19.94 24.66 -2.16
CA SER C 111 -19.71 23.53 -1.28
C SER C 111 -21.05 23.16 -0.64
N LYS C 112 -21.77 22.24 -1.27
CA LYS C 112 -23.08 21.83 -0.79
C LYS C 112 -22.95 20.84 0.37
N VAL C 113 -24.03 20.69 1.13
CA VAL C 113 -24.04 19.80 2.28
C VAL C 113 -24.01 18.35 1.79
N GLY C 114 -23.18 17.53 2.46
CA GLY C 114 -23.05 16.13 2.13
C GLY C 114 -21.96 15.81 1.13
N GLY C 115 -21.32 16.81 0.55
CA GLY C 115 -20.24 16.56 -0.39
C GLY C 115 -20.58 16.92 -1.83
N ASN C 116 -20.00 18.00 -2.33
CA ASN C 116 -20.22 18.42 -3.71
C ASN C 116 -19.12 17.80 -4.59
N TYR C 117 -19.51 16.83 -5.41
CA TYR C 117 -18.57 16.10 -6.25
C TYR C 117 -18.51 16.64 -7.67
N ASN C 118 -18.88 17.90 -7.88
CA ASN C 118 -18.93 18.49 -9.21
C ASN C 118 -17.56 18.93 -9.70
N TYR C 119 -16.56 19.02 -8.82
CA TYR C 119 -15.25 19.54 -9.18
C TYR C 119 -14.26 18.40 -9.24
N LEU C 120 -13.45 18.39 -10.30
CA LEU C 120 -12.57 17.28 -10.61
C LEU C 120 -11.13 17.77 -10.78
N TYR C 121 -10.18 16.87 -10.59
CA TYR C 121 -8.79 17.19 -10.78
C TYR C 121 -8.03 15.93 -11.17
N ARG C 122 -6.85 16.13 -11.77
CA ARG C 122 -6.08 15.03 -12.34
C ARG C 122 -5.08 14.53 -11.30
N LEU C 123 -5.34 13.34 -10.75
CA LEU C 123 -4.36 12.70 -9.87
C LEU C 123 -3.09 12.33 -10.64
N PHE C 124 -3.23 11.77 -11.83
CA PHE C 124 -2.13 11.16 -12.54
C PHE C 124 -2.05 11.69 -13.97
N ARG C 125 -0.82 11.81 -14.47
CA ARG C 125 -0.58 12.13 -15.86
C ARG C 125 0.79 11.57 -16.22
N LYS C 126 1.01 11.38 -17.53
CA LYS C 126 2.26 10.77 -17.99
C LYS C 126 3.46 11.61 -17.57
N SER C 127 3.37 12.93 -17.69
CA SER C 127 4.45 13.81 -17.28
C SER C 127 3.86 15.16 -16.88
N ASN C 128 4.73 16.06 -16.44
CA ASN C 128 4.29 17.39 -16.02
C ASN C 128 3.83 18.20 -17.22
N LEU C 129 2.75 18.96 -17.03
CA LEU C 129 2.25 19.81 -18.10
C LEU C 129 3.24 20.94 -18.40
N LYS C 130 3.33 21.31 -19.67
CA LYS C 130 3.98 22.55 -20.01
C LYS C 130 3.15 23.72 -19.49
N PRO C 131 3.77 24.86 -19.19
CA PRO C 131 3.02 26.00 -18.65
C PRO C 131 1.88 26.40 -19.58
N PHE C 132 0.74 26.73 -18.97
CA PHE C 132 -0.48 27.12 -19.70
C PHE C 132 -0.91 26.01 -20.66
N GLU C 133 -1.22 24.85 -20.08
CA GLU C 133 -1.71 23.71 -20.84
C GLU C 133 -2.98 23.18 -20.20
N ARG C 134 -3.94 22.80 -21.02
CA ARG C 134 -5.23 22.28 -20.57
C ARG C 134 -5.35 20.84 -21.05
N ASP C 135 -5.20 19.88 -20.14
CA ASP C 135 -5.31 18.47 -20.46
C ASP C 135 -6.71 17.98 -20.11
N ILE C 136 -7.68 18.47 -20.89
CA ILE C 136 -9.08 18.11 -20.68
C ILE C 136 -9.33 16.65 -21.01
N SER C 137 -8.48 16.04 -21.83
CA SER C 137 -8.66 14.64 -22.22
C SER C 137 -8.59 13.73 -20.99
N THR C 138 -9.54 12.81 -20.89
CA THR C 138 -9.62 11.87 -19.78
C THR C 138 -9.33 10.45 -20.30
N GLU C 139 -8.05 10.09 -20.28
CA GLU C 139 -7.61 8.77 -20.71
C GLU C 139 -7.12 7.98 -19.51
N ILE C 140 -7.38 6.67 -19.54
CA ILE C 140 -7.05 5.81 -18.40
C ILE C 140 -5.55 5.76 -18.21
N TYR C 141 -5.10 6.06 -17.00
CA TYR C 141 -3.67 6.00 -16.70
C TYR C 141 -3.22 4.55 -16.59
N GLN C 142 -2.15 4.22 -17.32
CA GLN C 142 -1.59 2.87 -17.32
C GLN C 142 -0.42 2.86 -16.32
N ALA C 143 -0.77 2.81 -15.03
CA ALA C 143 0.26 2.83 -13.99
C ALA C 143 1.13 1.59 -14.05
N GLY C 144 0.52 0.42 -14.27
CA GLY C 144 1.25 -0.82 -14.30
C GLY C 144 1.83 -1.12 -15.67
N SER C 145 2.33 -2.35 -15.81
CA SER C 145 2.95 -2.80 -17.05
C SER C 145 1.96 -3.49 -17.98
N THR C 146 0.69 -3.57 -17.60
CA THR C 146 -0.32 -4.19 -18.45
C THR C 146 -1.05 -3.13 -19.25
N PRO C 147 -0.97 -3.15 -20.58
CA PRO C 147 -1.72 -2.16 -21.37
C PRO C 147 -3.20 -2.53 -21.48
N CYS C 148 -3.98 -2.21 -20.45
CA CYS C 148 -5.40 -2.53 -20.49
C CYS C 148 -6.10 -1.79 -21.61
N ASN C 149 -5.93 -0.48 -21.67
CA ASN C 149 -6.53 0.37 -22.71
C ASN C 149 -8.04 0.15 -22.80
N GLY C 150 -8.72 0.45 -21.70
CA GLY C 150 -10.15 0.24 -21.64
C GLY C 150 -10.74 0.54 -20.27
N VAL C 151 -11.56 -0.37 -19.76
CA VAL C 151 -12.18 -0.17 -18.45
C VAL C 151 -11.10 -0.11 -17.37
N GLU C 152 -11.25 0.85 -16.46
CA GLU C 152 -10.27 1.00 -15.39
C GLU C 152 -10.27 -0.21 -14.47
N GLY C 153 -9.11 -0.52 -13.92
CA GLY C 153 -8.97 -1.67 -13.05
C GLY C 153 -7.64 -1.71 -12.32
N PHE C 154 -7.05 -2.90 -12.23
CA PHE C 154 -5.76 -3.05 -11.57
C PHE C 154 -4.70 -2.23 -12.28
N ASN C 155 -4.16 -1.25 -11.58
CA ASN C 155 -3.14 -0.33 -12.09
C ASN C 155 -3.60 0.47 -13.31
N CYS C 156 -4.89 0.42 -13.62
CA CYS C 156 -5.48 1.25 -14.67
C CYS C 156 -6.39 2.25 -13.96
N TYR C 157 -5.85 3.44 -13.71
CA TYR C 157 -6.50 4.43 -12.86
C TYR C 157 -7.21 5.48 -13.70
N PHE C 158 -8.40 5.86 -13.29
CA PHE C 158 -9.06 7.01 -13.87
C PHE C 158 -8.39 8.28 -13.36
N PRO C 159 -7.91 9.16 -14.25
CA PRO C 159 -7.11 10.29 -13.76
C PRO C 159 -7.93 11.36 -13.07
N LEU C 160 -9.22 11.50 -13.39
CA LEU C 160 -10.06 12.54 -12.83
C LEU C 160 -10.71 12.03 -11.54
N GLN C 161 -10.44 12.71 -10.43
CA GLN C 161 -11.04 12.40 -9.15
C GLN C 161 -11.62 13.67 -8.55
N SER C 162 -12.62 13.49 -7.69
CA SER C 162 -13.38 14.61 -7.14
C SER C 162 -12.78 15.09 -5.82
N TYR C 163 -12.80 16.41 -5.62
CA TYR C 163 -12.41 16.97 -4.34
C TYR C 163 -13.33 16.51 -3.22
N GLY C 164 -14.64 16.53 -3.46
CA GLY C 164 -15.59 16.20 -2.42
C GLY C 164 -15.60 17.22 -1.30
N PHE C 165 -16.01 18.44 -1.61
CA PHE C 165 -16.03 19.52 -0.64
C PHE C 165 -17.26 19.42 0.25
N GLN C 166 -17.07 19.68 1.54
CA GLN C 166 -18.15 19.67 2.51
C GLN C 166 -18.11 20.94 3.34
N PRO C 167 -19.28 21.41 3.80
CA PRO C 167 -19.29 22.61 4.65
C PRO C 167 -18.51 22.43 5.95
N THR C 168 -18.48 21.22 6.50
CA THR C 168 -17.79 20.97 7.75
C THR C 168 -16.30 20.71 7.56
N ASN C 169 -15.81 20.78 6.33
CA ASN C 169 -14.39 20.56 6.07
C ASN C 169 -13.55 21.68 6.70
N GLY C 170 -12.29 21.37 6.94
CA GLY C 170 -11.39 22.35 7.54
C GLY C 170 -11.12 23.51 6.61
N VAL C 171 -10.67 24.62 7.22
CA VAL C 171 -10.39 25.83 6.45
C VAL C 171 -9.29 25.57 5.43
N GLY C 172 -8.24 24.85 5.84
CA GLY C 172 -7.15 24.56 4.93
C GLY C 172 -7.51 23.61 3.80
N TYR C 173 -8.66 22.96 3.88
CA TYR C 173 -9.13 22.03 2.85
C TYR C 173 -10.49 22.46 2.32
N GLN C 174 -10.67 23.76 2.09
CA GLN C 174 -11.91 24.32 1.61
C GLN C 174 -11.76 24.89 0.21
N PRO C 175 -12.85 24.98 -0.55
CA PRO C 175 -12.74 25.46 -1.93
C PRO C 175 -12.42 26.95 -1.99
N TYR C 176 -11.31 27.28 -2.64
CA TYR C 176 -10.89 28.66 -2.86
C TYR C 176 -10.92 28.93 -4.36
N ARG C 177 -11.91 29.71 -4.80
CA ARG C 177 -12.10 29.98 -6.22
C ARG C 177 -10.99 30.88 -6.72
N VAL C 178 -10.05 30.31 -7.46
CA VAL C 178 -8.86 31.04 -7.92
C VAL C 178 -9.15 31.67 -9.27
N VAL C 179 -8.74 32.93 -9.44
CA VAL C 179 -8.86 33.66 -10.69
C VAL C 179 -7.49 34.26 -10.98
N VAL C 180 -6.68 33.54 -11.74
CA VAL C 180 -5.33 33.99 -12.07
C VAL C 180 -5.42 34.98 -13.22
N LEU C 181 -5.10 36.24 -12.95
CA LEU C 181 -5.02 37.24 -13.99
C LEU C 181 -3.63 37.18 -14.64
N SER C 182 -3.60 37.18 -15.97
CA SER C 182 -2.36 37.10 -16.72
C SER C 182 -2.29 38.27 -17.70
N PHE C 183 -1.20 39.02 -17.63
CA PHE C 183 -0.96 40.15 -18.51
C PHE C 183 0.35 39.92 -19.27
N GLU C 184 0.48 40.61 -20.40
CA GLU C 184 1.71 40.59 -21.18
C GLU C 184 2.09 42.02 -21.55
N LEU C 185 3.39 42.30 -21.49
CA LEU C 185 3.89 43.64 -21.77
C LEU C 185 3.73 44.00 -23.25
N ALA C 188 4.24 46.73 -29.01
CA ALA C 188 3.05 45.88 -29.10
C ALA C 188 1.79 46.68 -28.78
N PRO C 189 0.82 46.66 -29.70
CA PRO C 189 -0.43 47.35 -29.44
C PRO C 189 -1.12 46.80 -28.19
N ALA C 190 -1.72 47.72 -27.42
CA ALA C 190 -2.34 47.37 -26.15
C ALA C 190 -3.72 48.01 -26.07
N THR C 191 -4.70 47.24 -25.59
CA THR C 191 -6.10 47.69 -25.65
C THR C 191 -6.91 47.37 -24.41
N VAL C 192 -6.28 47.08 -23.27
CA VAL C 192 -7.05 46.74 -22.08
C VAL C 192 -6.63 47.68 -20.94
N CYS C 193 -6.28 48.91 -21.29
CA CYS C 193 -5.82 49.88 -20.31
C CYS C 193 -6.58 51.19 -20.46
N GLY C 194 -6.46 52.04 -19.45
CA GLY C 194 -7.05 53.35 -19.46
C GLY C 194 -6.08 54.39 -20.00
N PRO C 195 -5.66 55.32 -19.13
CA PRO C 195 -4.67 56.35 -19.49
C PRO C 195 -3.38 55.77 -20.03
N THR D 1 37.53 -9.18 -3.74
CA THR D 1 38.84 -8.75 -3.27
C THR D 1 39.01 -9.10 -1.79
N ASN D 2 37.93 -8.93 -1.02
CA ASN D 2 37.94 -9.18 0.41
C ASN D 2 36.83 -10.16 0.77
N LEU D 3 37.08 -10.93 1.82
CA LEU D 3 36.11 -11.89 2.34
C LEU D 3 35.79 -11.53 3.78
N CYS D 4 34.49 -11.49 4.11
CA CYS D 4 34.09 -11.19 5.48
C CYS D 4 34.46 -12.36 6.40
N PRO D 5 34.65 -12.09 7.70
CA PRO D 5 35.14 -13.13 8.60
C PRO D 5 34.12 -14.24 8.87
N PHE D 6 33.68 -14.92 7.82
CA PHE D 6 32.88 -16.13 8.02
C PHE D 6 33.71 -17.25 8.64
N GLY D 7 35.02 -17.23 8.45
CA GLY D 7 35.92 -18.15 9.11
C GLY D 7 36.34 -17.74 10.51
N GLU D 8 35.85 -16.60 10.99
CA GLU D 8 36.12 -16.12 12.34
C GLU D 8 34.87 -16.04 13.20
N VAL D 9 33.72 -15.65 12.63
CA VAL D 9 32.48 -15.65 13.38
C VAL D 9 32.08 -17.08 13.75
N PHE D 10 32.33 -18.03 12.85
CA PHE D 10 32.07 -19.44 13.11
C PHE D 10 33.27 -20.16 13.72
N ASN D 11 34.37 -19.46 13.96
CA ASN D 11 35.55 -20.06 14.57
C ASN D 11 36.33 -18.96 15.27
N ALA D 12 36.22 -18.90 16.60
CA ALA D 12 36.91 -17.88 17.38
C ALA D 12 37.13 -18.43 18.79
N THR D 13 37.47 -17.54 19.73
CA THR D 13 37.74 -17.95 21.10
C THR D 13 36.48 -18.49 21.76
N ARG D 14 35.37 -17.77 21.65
CA ARG D 14 34.11 -18.17 22.26
C ARG D 14 32.99 -17.30 21.70
N PHE D 15 31.77 -17.55 22.19
CA PHE D 15 30.60 -16.78 21.82
C PHE D 15 30.20 -15.84 22.96
N ALA D 16 29.86 -14.60 22.59
CA ALA D 16 29.58 -13.56 23.57
C ALA D 16 28.19 -13.77 24.18
N SER D 17 27.81 -12.85 25.05
CA SER D 17 26.53 -12.93 25.74
C SER D 17 25.37 -12.72 24.78
N VAL D 18 24.21 -13.27 25.14
CA VAL D 18 23.04 -13.15 24.30
C VAL D 18 22.60 -11.71 24.17
N TYR D 19 22.66 -10.96 25.27
CA TYR D 19 22.19 -9.56 25.26
C TYR D 19 23.00 -8.69 24.31
N ALA D 20 24.32 -8.85 24.26
CA ALA D 20 25.18 -8.05 23.40
C ALA D 20 25.88 -8.99 22.43
N TRP D 21 25.30 -9.12 21.24
CA TRP D 21 25.89 -9.96 20.20
C TRP D 21 27.17 -9.33 19.67
N ASN D 22 28.11 -10.17 19.25
CA ASN D 22 29.37 -9.69 18.70
C ASN D 22 29.13 -9.17 17.28
N ARG D 23 30.18 -8.58 16.69
CA ARG D 23 30.07 -8.06 15.34
C ARG D 23 29.98 -9.21 14.35
N SER D 27 30.33 -6.62 5.84
CA SER D 27 29.87 -5.76 4.74
C SER D 27 30.80 -5.88 3.54
N ASN D 28 30.26 -5.52 2.37
CA ASN D 28 30.96 -5.50 1.08
C ASN D 28 31.94 -6.68 0.91
N CYS D 29 31.39 -7.88 1.08
CA CYS D 29 32.13 -9.10 0.81
C CYS D 29 31.37 -10.01 -0.14
N VAL D 30 31.85 -11.25 -0.29
CA VAL D 30 31.18 -12.26 -1.11
C VAL D 30 30.63 -13.33 -0.18
N ALA D 31 29.35 -13.67 -0.36
CA ALA D 31 28.67 -14.63 0.49
C ALA D 31 28.35 -15.90 -0.30
N ASP D 32 28.43 -17.04 0.37
CA ASP D 32 28.16 -18.32 -0.24
C ASP D 32 27.44 -19.20 0.77
N TYR D 33 27.31 -20.49 0.45
CA TYR D 33 26.66 -21.44 1.34
C TYR D 33 27.47 -22.71 1.58
N SER D 34 28.36 -23.10 0.69
CA SER D 34 29.18 -24.29 0.87
C SER D 34 30.51 -23.95 1.54
N VAL D 35 30.44 -23.30 2.69
CA VAL D 35 31.63 -22.91 3.42
C VAL D 35 32.10 -24.05 4.31
N SER D 43 24.55 -28.83 10.90
CA SER D 43 23.18 -29.23 11.18
C SER D 43 22.23 -28.05 11.00
N THR D 44 20.95 -28.37 10.75
CA THR D 44 19.88 -27.38 10.59
C THR D 44 20.25 -26.39 9.49
N PHE D 45 20.29 -26.94 8.27
CA PHE D 45 20.58 -26.16 7.08
C PHE D 45 19.42 -25.24 6.68
N LYS D 46 18.26 -25.39 7.31
CA LYS D 46 17.08 -24.65 6.91
C LYS D 46 17.29 -23.14 7.04
N CYS D 47 16.85 -22.40 6.03
CA CYS D 47 16.98 -20.95 5.97
C CYS D 47 15.63 -20.35 5.66
N TYR D 48 15.37 -19.17 6.21
CA TYR D 48 14.09 -18.50 6.05
C TYR D 48 14.21 -17.33 5.07
N GLY D 49 13.06 -16.78 4.69
CA GLY D 49 13.02 -15.58 3.90
C GLY D 49 13.43 -15.75 2.45
N VAL D 50 14.66 -16.22 2.23
CA VAL D 50 15.21 -16.35 0.88
C VAL D 50 15.75 -17.77 0.70
N SER D 51 15.87 -18.16 -0.56
CA SER D 51 16.38 -19.49 -0.88
C SER D 51 17.87 -19.57 -0.57
N PRO D 52 18.34 -20.75 -0.14
CA PRO D 52 19.78 -20.90 0.12
C PRO D 52 20.64 -20.72 -1.12
N THR D 53 20.09 -20.94 -2.31
CA THR D 53 20.84 -20.79 -3.54
C THR D 53 20.68 -19.38 -4.11
N LEU D 58 21.04 -12.10 -5.95
CA LEU D 58 21.22 -12.30 -4.53
C LEU D 58 21.98 -11.13 -3.91
N CYS D 59 21.67 -9.92 -4.37
CA CYS D 59 22.33 -8.72 -3.86
C CYS D 59 21.96 -8.48 -2.40
N PHE D 60 22.93 -8.02 -1.62
CA PHE D 60 22.74 -7.74 -0.21
C PHE D 60 23.35 -6.40 0.15
N THR D 61 22.83 -5.79 1.21
CA THR D 61 23.31 -4.51 1.69
C THR D 61 24.08 -4.63 3.00
N ASN D 62 23.51 -5.29 4.01
CA ASN D 62 24.18 -5.48 5.28
C ASN D 62 23.85 -6.86 5.82
N VAL D 63 24.76 -7.39 6.62
CA VAL D 63 24.61 -8.71 7.23
C VAL D 63 24.64 -8.56 8.74
N TYR D 64 23.76 -9.28 9.43
CA TYR D 64 23.66 -9.26 10.89
C TYR D 64 23.77 -10.70 11.36
N ALA D 65 24.97 -11.10 11.81
CA ALA D 65 25.25 -12.45 12.26
C ALA D 65 25.21 -12.47 13.78
N ASP D 66 24.05 -12.82 14.33
CA ASP D 66 23.88 -12.92 15.78
C ASP D 66 24.19 -14.35 16.21
N SER D 67 25.21 -14.51 17.06
CA SER D 67 25.68 -15.81 17.50
C SER D 67 25.41 -16.00 18.98
N PHE D 68 24.99 -17.20 19.36
CA PHE D 68 24.70 -17.52 20.75
C PHE D 68 24.71 -19.04 20.89
N VAL D 69 24.44 -19.51 22.11
CA VAL D 69 24.39 -20.93 22.40
C VAL D 69 23.10 -21.24 23.15
N ILE D 70 22.36 -22.24 22.67
CA ILE D 70 21.12 -22.69 23.31
C ILE D 70 21.08 -24.21 23.18
N ARG D 71 20.54 -24.86 24.21
CA ARG D 71 20.43 -26.31 24.20
C ARG D 71 19.56 -26.78 23.03
N GLY D 72 19.62 -28.09 22.77
CA GLY D 72 18.91 -28.67 21.64
C GLY D 72 17.41 -28.80 21.83
N ASP D 73 16.91 -28.53 23.04
CA ASP D 73 15.48 -28.55 23.31
C ASP D 73 14.83 -27.19 23.10
N GLU D 74 15.45 -26.12 23.62
CA GLU D 74 14.91 -24.78 23.46
C GLU D 74 15.17 -24.19 22.09
N VAL D 75 16.02 -24.82 21.28
CA VAL D 75 16.29 -24.32 19.94
C VAL D 75 15.06 -24.42 19.04
N ARG D 76 14.12 -25.32 19.38
CA ARG D 76 12.89 -25.45 18.61
C ARG D 76 12.02 -24.20 18.70
N GLN D 77 12.25 -23.36 19.70
CA GLN D 77 11.48 -22.13 19.85
C GLN D 77 12.02 -20.98 19.03
N ILE D 78 13.14 -21.17 18.32
CA ILE D 78 13.72 -20.11 17.50
C ILE D 78 13.04 -20.11 16.14
N ALA D 79 11.87 -19.48 16.05
CA ALA D 79 11.10 -19.42 14.81
C ALA D 79 10.01 -18.37 14.93
N PRO D 80 9.71 -17.62 13.87
CA PRO D 80 8.61 -16.66 13.93
C PRO D 80 7.27 -17.30 14.27
N GLY D 81 7.01 -18.52 13.77
CA GLY D 81 5.76 -19.19 14.04
C GLY D 81 5.68 -19.88 15.39
N GLN D 82 6.83 -20.28 15.94
CA GLN D 82 6.88 -20.94 17.24
C GLN D 82 7.46 -19.97 18.26
N THR D 83 6.61 -19.51 19.18
CA THR D 83 6.99 -18.53 20.19
C THR D 83 6.99 -19.18 21.56
N GLY D 84 8.03 -18.91 22.34
CA GLY D 84 8.14 -19.45 23.68
C GLY D 84 8.92 -18.50 24.56
N LYS D 85 9.07 -18.86 25.83
CA LYS D 85 9.79 -18.02 26.77
C LYS D 85 11.24 -17.81 26.34
N ILE D 86 11.90 -18.89 25.91
CA ILE D 86 13.29 -18.82 25.49
C ILE D 86 13.46 -17.92 24.27
N ALA D 87 12.39 -17.71 23.50
CA ALA D 87 12.42 -16.81 22.36
C ALA D 87 11.81 -15.45 22.65
N ASP D 88 10.74 -15.40 23.46
CA ASP D 88 10.11 -14.13 23.76
C ASP D 88 10.90 -13.30 24.76
N TYR D 89 11.85 -13.91 25.48
CA TYR D 89 12.60 -13.20 26.50
C TYR D 89 14.06 -12.94 26.15
N ASN D 90 14.65 -13.73 25.25
CA ASN D 90 16.05 -13.57 24.88
C ASN D 90 16.22 -13.12 23.43
N TYR D 91 15.66 -13.85 22.47
CA TYR D 91 15.82 -13.51 21.06
C TYR D 91 14.58 -13.96 20.31
N LYS D 92 13.75 -13.00 19.89
CA LYS D 92 12.55 -13.28 19.12
C LYS D 92 12.81 -12.90 17.67
N LEU D 93 12.56 -13.84 16.76
CA LEU D 93 12.81 -13.59 15.35
C LEU D 93 11.75 -12.63 14.81
N PRO D 94 12.13 -11.54 14.17
CA PRO D 94 11.14 -10.56 13.69
C PRO D 94 10.28 -11.13 12.58
N ASP D 95 9.06 -10.60 12.48
CA ASP D 95 8.16 -10.98 11.40
C ASP D 95 8.71 -10.49 10.07
N ASP D 96 8.27 -11.15 8.99
CA ASP D 96 8.78 -10.89 7.65
C ASP D 96 10.31 -11.03 7.61
N PHE D 97 10.80 -12.08 8.28
CA PHE D 97 12.24 -12.31 8.35
C PHE D 97 12.79 -12.62 6.97
N THR D 98 13.95 -12.03 6.67
CA THR D 98 14.62 -12.20 5.38
C THR D 98 15.97 -12.88 5.53
N GLY D 99 16.14 -13.65 6.61
CA GLY D 99 17.43 -14.23 6.93
C GLY D 99 17.35 -15.72 7.19
N CYS D 100 18.52 -16.30 7.44
CA CYS D 100 18.69 -17.73 7.64
C CYS D 100 19.23 -18.00 9.05
N VAL D 101 19.32 -19.27 9.39
CA VAL D 101 19.80 -19.67 10.72
C VAL D 101 20.50 -21.02 10.59
N ILE D 102 21.60 -21.16 11.32
CA ILE D 102 22.41 -22.39 11.32
C ILE D 102 22.70 -22.77 12.77
N ALA D 103 22.29 -23.97 13.16
CA ALA D 103 22.51 -24.47 14.52
C ALA D 103 23.37 -25.74 14.42
N TRP D 104 24.60 -25.66 14.94
CA TRP D 104 25.53 -26.77 14.85
C TRP D 104 25.87 -27.31 16.24
N ASN D 105 26.22 -28.59 16.28
CA ASN D 105 26.53 -29.25 17.54
C ASN D 105 27.76 -28.62 18.19
N SER D 106 27.67 -28.35 19.50
CA SER D 106 28.77 -27.81 20.27
C SER D 106 29.03 -28.58 21.55
N ASN D 107 28.32 -29.70 21.77
CA ASN D 107 28.51 -30.48 22.98
C ASN D 107 29.93 -31.06 23.02
N ASN D 108 30.41 -31.54 21.87
CA ASN D 108 31.70 -32.25 21.85
C ASN D 108 32.83 -31.36 22.32
N LEU D 109 32.85 -30.09 21.89
CA LEU D 109 33.93 -29.18 22.25
C LEU D 109 33.57 -28.20 23.36
N ASP D 110 32.36 -28.27 23.90
CA ASP D 110 31.96 -27.41 25.01
C ASP D 110 31.18 -28.20 26.05
N SER D 111 31.62 -29.44 26.30
CA SER D 111 30.92 -30.28 27.27
C SER D 111 31.14 -29.79 28.69
N LYS D 112 32.36 -29.36 29.01
CA LYS D 112 32.68 -28.90 30.35
C LYS D 112 32.09 -27.52 30.60
N GLY D 115 28.69 -27.23 33.67
CA GLY D 115 27.66 -26.26 34.00
C GLY D 115 28.11 -24.83 33.81
N ASN D 116 29.42 -24.61 33.85
CA ASN D 116 29.98 -23.28 33.71
C ASN D 116 29.90 -22.83 32.25
N TYR D 117 29.35 -21.65 32.03
CA TYR D 117 29.21 -21.09 30.68
C TYR D 117 28.93 -19.60 30.82
N ASN D 118 28.55 -18.96 29.71
CA ASN D 118 28.21 -17.54 29.72
C ASN D 118 26.91 -17.26 28.98
N TYR D 119 26.00 -18.22 28.94
CA TYR D 119 24.72 -18.05 28.25
C TYR D 119 23.66 -17.54 29.22
N LEU D 120 22.67 -16.84 28.65
CA LEU D 120 21.56 -16.30 29.43
C LEU D 120 20.36 -17.23 29.30
N TYR D 121 19.93 -17.78 30.43
CA TYR D 121 18.75 -18.65 30.49
C TYR D 121 17.58 -17.96 31.19
N ARG D 122 17.59 -16.62 31.24
CA ARG D 122 16.55 -15.86 31.93
C ARG D 122 15.18 -16.12 31.32
N LEU D 123 14.19 -16.40 32.18
CA LEU D 123 12.81 -16.62 31.76
C LEU D 123 11.88 -15.53 32.29
N PHE D 124 12.45 -14.48 32.85
CA PHE D 124 11.66 -13.37 33.38
C PHE D 124 12.32 -12.03 33.08
N ARG D 125 13.29 -12.04 32.16
CA ARG D 125 14.04 -10.83 31.81
C ARG D 125 13.12 -9.79 31.21
N LYS D 126 12.88 -8.70 31.95
CA LYS D 126 11.99 -7.62 31.54
C LYS D 126 10.64 -8.15 31.07
N SER D 127 10.38 -8.05 29.77
CA SER D 127 9.14 -8.54 29.19
C SER D 127 9.36 -8.98 27.75
N ASN D 128 8.28 -9.19 27.00
CA ASN D 128 8.39 -9.56 25.59
C ASN D 128 8.96 -8.41 24.79
N LEU D 129 10.06 -8.66 24.07
CA LEU D 129 10.71 -7.62 23.29
C LEU D 129 9.89 -7.28 22.05
N LYS D 130 10.12 -6.07 21.53
CA LYS D 130 9.46 -5.59 20.32
C LYS D 130 10.51 -5.03 19.37
N PRO D 131 11.31 -5.89 18.73
CA PRO D 131 12.35 -5.45 17.80
C PRO D 131 11.79 -4.83 16.53
N GLN D 166 24.98 -41.58 25.92
CA GLN D 166 25.39 -41.03 27.21
C GLN D 166 24.18 -40.77 28.11
N PRO D 167 23.81 -41.76 28.91
CA PRO D 167 22.67 -41.58 29.82
C PRO D 167 22.87 -40.44 30.81
N THR D 168 24.10 -40.19 31.25
CA THR D 168 24.34 -39.12 32.22
C THR D 168 24.02 -37.76 31.62
N ASN D 169 24.43 -37.52 30.37
CA ASN D 169 24.16 -36.25 29.72
C ASN D 169 22.67 -36.11 29.43
N GLY D 170 22.14 -34.91 29.66
CA GLY D 170 20.76 -34.65 29.38
C GLY D 170 20.45 -34.63 27.90
N VAL D 171 19.28 -35.16 27.55
CA VAL D 171 18.89 -35.22 26.15
C VAL D 171 18.59 -33.83 25.60
N GLY D 172 17.85 -33.02 26.36
CA GLY D 172 17.53 -31.67 25.97
C GLY D 172 18.48 -30.60 26.46
N TYR D 173 19.57 -31.00 27.12
CA TYR D 173 20.54 -30.05 27.64
C TYR D 173 21.81 -29.99 26.81
N GLN D 174 21.88 -30.72 25.70
CA GLN D 174 23.07 -30.68 24.87
C GLN D 174 23.21 -29.29 24.23
N PRO D 175 24.38 -28.65 24.35
CA PRO D 175 24.53 -27.28 23.85
C PRO D 175 24.67 -27.24 22.34
N TYR D 176 23.84 -26.43 21.70
CA TYR D 176 23.88 -26.21 20.26
C TYR D 176 24.21 -24.74 20.00
N ARG D 177 25.24 -24.49 19.20
CA ARG D 177 25.64 -23.13 18.89
C ARG D 177 24.86 -22.66 17.67
N VAL D 178 24.14 -21.55 17.82
CA VAL D 178 23.19 -21.06 16.83
C VAL D 178 23.66 -19.69 16.34
N VAL D 179 23.80 -19.56 15.03
CA VAL D 179 24.11 -18.29 14.39
C VAL D 179 23.01 -17.97 13.41
N VAL D 180 22.39 -16.80 13.58
CA VAL D 180 21.30 -16.36 12.71
C VAL D 180 21.76 -15.15 11.92
N LEU D 181 21.61 -15.22 10.60
CA LEU D 181 22.04 -14.17 9.69
C LEU D 181 20.83 -13.43 9.16
N SER D 182 20.76 -12.13 9.40
CA SER D 182 19.69 -11.27 8.94
C SER D 182 20.25 -10.36 7.85
N PHE D 183 19.72 -10.47 6.64
CA PHE D 183 20.17 -9.65 5.53
C PHE D 183 19.28 -8.42 5.42
N GLU D 184 19.91 -7.25 5.36
CA GLU D 184 19.15 -6.00 5.23
C GLU D 184 18.40 -5.95 3.90
N LEU D 185 19.04 -6.37 2.83
CA LEU D 185 18.43 -6.36 1.50
C LEU D 185 18.52 -7.73 0.84
#